data_5N92
#
_entry.id   5N92
#
_cell.length_a   87.380
_cell.length_b   87.380
_cell.length_c   126.330
_cell.angle_alpha   90.000
_cell.angle_beta   90.000
_cell.angle_gamma   90.000
#
_symmetry.space_group_name_H-M   'P 41 2 2'
#
loop_
_entity.id
_entity.type
_entity.pdbx_description
1 polymer Interleukin-17A
2 polymer Interleukin-17F
3 branched 2-acetamido-2-deoxy-beta-D-glucopyranose-(1-4)-[alpha-L-fucopyranose-(1-6)]2-acetamido-2-deoxy-beta-D-glucopyranose
4 water water
#
loop_
_entity_poly.entity_id
_entity_poly.type
_entity_poly.pdbx_seq_one_letter_code
_entity_poly.pdbx_strand_id
1 'polypeptide(L)'
;GITIPRNPGCPNSEDKNFPRTVMVNLNIHNRNTNTNPKRSSDYYNRSTSPWNLHRNEDPERYPSVIWEAKCRHLGCINAD
GNVDYHMNSVPIQQEILVLRREPPHCPNSFRLEKILVSVGCTCVTPIVHHVA
;
A
2 'polypeptide(L)'
;EFRHDSRKIPKVGHTFFQKPESCPPVPGGSMKLDIGIINENQRVSMSRNIESRSTSPWNYTVTWDPNRYPSEVVQAQCRN
LGCINAQGKEDISMNSVPIQQETLVVRRKHQGCSVSFQLEKVLVTVGCTCVTPVIHHVQ
;
F
#
# COMPACT_ATOMS: atom_id res chain seq x y z
N LYS A 16 18.12 -8.16 -18.49
CA LYS A 16 16.67 -8.00 -18.49
C LYS A 16 16.05 -8.10 -17.09
N ASN A 17 16.42 -9.14 -16.31
CA ASN A 17 15.91 -9.30 -14.94
C ASN A 17 16.86 -8.61 -13.95
N PHE A 18 16.33 -8.18 -12.79
CA PHE A 18 17.14 -7.56 -11.74
C PHE A 18 18.01 -8.64 -11.10
N PRO A 19 19.29 -8.36 -10.75
CA PRO A 19 20.10 -9.39 -10.06
C PRO A 19 19.58 -9.68 -8.63
N ARG A 20 19.97 -10.83 -8.05
CA ARG A 20 19.59 -11.26 -6.70
C ARG A 20 20.21 -10.35 -5.65
N THR A 21 21.34 -9.72 -5.99
CA THR A 21 22.06 -8.79 -5.13
C THR A 21 22.49 -7.58 -5.94
N VAL A 22 22.20 -6.39 -5.40
CA VAL A 22 22.55 -5.11 -6.01
C VAL A 22 23.20 -4.18 -4.98
N MET A 23 24.05 -3.27 -5.46
CA MET A 23 24.63 -2.23 -4.64
C MET A 23 23.82 -0.97 -4.97
N VAL A 24 23.37 -0.23 -3.95
CA VAL A 24 22.64 1.03 -4.17
C VAL A 24 23.42 2.14 -3.48
N ASN A 25 23.19 3.40 -3.87
CA ASN A 25 23.86 4.47 -3.14
C ASN A 25 23.06 4.80 -1.84
N LEU A 26 23.56 5.73 -1.04
CA LEU A 26 22.96 6.07 0.25
C LEU A 26 21.73 6.96 0.17
N ASN A 27 21.34 7.40 -1.02
CA ASN A 27 20.19 8.28 -1.23
C ASN A 27 18.93 7.53 -1.59
N ILE A 28 17.87 7.72 -0.80
CA ILE A 28 16.56 7.15 -1.09
C ILE A 28 15.78 8.27 -1.78
N HIS A 29 15.49 8.06 -3.07
CA HIS A 29 14.80 9.03 -3.91
C HIS A 29 13.29 9.01 -3.65
N ASN A 30 12.73 10.11 -3.10
CA ASN A 30 11.26 10.17 -2.87
C ASN A 30 10.55 10.57 -4.12
N ARG A 31 9.59 9.78 -4.50
CA ARG A 31 8.71 10.04 -5.63
C ARG A 31 7.29 10.16 -5.15
N ASN A 32 6.58 11.17 -5.63
CA ASN A 32 5.14 11.39 -5.39
C ASN A 32 4.67 11.24 -3.91
N THR A 33 5.62 11.28 -2.93
CA THR A 33 5.31 11.15 -1.49
C THR A 33 4.98 12.53 -0.88
N ASN A 34 4.57 12.56 0.42
CA ASN A 34 4.14 13.72 1.21
C ASN A 34 2.71 14.14 0.82
N SER A 41 -6.28 10.39 6.63
CA SER A 41 -5.97 11.47 7.58
C SER A 41 -6.79 11.26 8.88
N ASP A 42 -8.10 11.53 8.80
CA ASP A 42 -9.15 11.30 9.79
C ASP A 42 -10.15 10.27 9.19
N TYR A 43 -9.81 9.67 8.00
CA TYR A 43 -10.65 8.66 7.31
C TYR A 43 -10.95 7.45 8.23
N TYR A 44 -9.98 7.05 9.10
CA TYR A 44 -10.12 5.89 9.98
C TYR A 44 -11.40 5.99 10.84
N ASN A 45 -11.83 7.23 11.18
CA ASN A 45 -13.05 7.49 11.94
C ASN A 45 -14.28 7.83 11.06
N ARG A 46 -14.06 8.58 9.97
CA ARG A 46 -15.13 9.08 9.09
C ARG A 46 -15.68 8.04 8.15
N SER A 47 -14.90 6.98 7.91
CA SER A 47 -15.30 5.89 7.02
C SER A 47 -16.52 5.12 7.54
N THR A 48 -17.38 4.63 6.64
CA THR A 48 -18.50 3.75 7.01
C THR A 48 -17.95 2.35 7.37
N SER A 49 -16.66 2.11 7.08
CA SER A 49 -15.93 0.90 7.47
C SER A 49 -14.75 1.38 8.31
N PRO A 50 -15.00 1.92 9.54
CA PRO A 50 -13.90 2.46 10.34
C PRO A 50 -12.84 1.44 10.78
N TRP A 51 -11.64 1.96 11.10
CA TRP A 51 -10.56 1.08 11.49
C TRP A 51 -9.72 1.70 12.59
N ASN A 52 -8.90 0.87 13.24
CA ASN A 52 -7.95 1.32 14.26
C ASN A 52 -6.57 1.02 13.76
N LEU A 53 -5.61 1.89 14.12
CA LEU A 53 -4.23 1.74 13.71
C LEU A 53 -3.37 1.18 14.82
N HIS A 54 -2.60 0.15 14.48
CA HIS A 54 -1.73 -0.57 15.39
C HIS A 54 -0.29 -0.36 14.95
N ARG A 55 0.54 0.08 15.91
CA ARG A 55 1.96 0.38 15.75
C ARG A 55 2.75 -0.92 15.74
N ASN A 56 3.64 -1.06 14.76
CA ASN A 56 4.54 -2.19 14.62
C ASN A 56 5.91 -1.55 14.50
N GLU A 57 6.73 -1.69 15.54
CA GLU A 57 8.08 -1.15 15.63
C GLU A 57 9.08 -2.30 15.53
N ASP A 58 10.13 -2.13 14.70
CA ASP A 58 11.20 -3.11 14.50
C ASP A 58 12.50 -2.35 14.22
N PRO A 59 13.43 -2.31 15.22
CA PRO A 59 14.71 -1.57 15.02
C PRO A 59 15.63 -2.07 13.92
N GLU A 60 15.46 -3.33 13.51
CA GLU A 60 16.17 -4.07 12.46
C GLU A 60 15.60 -3.70 11.06
N ARG A 61 14.47 -2.99 11.04
CA ARG A 61 13.73 -2.68 9.83
C ARG A 61 13.69 -1.20 9.46
N TYR A 62 13.70 -0.93 8.17
CA TYR A 62 13.52 0.42 7.60
C TYR A 62 12.35 0.36 6.60
N PRO A 63 11.19 1.02 6.85
CA PRO A 63 10.86 1.89 8.00
C PRO A 63 10.72 1.06 9.27
N SER A 64 11.24 1.59 10.38
CA SER A 64 11.19 0.89 11.67
C SER A 64 9.78 0.83 12.22
N VAL A 65 8.98 1.87 11.99
CA VAL A 65 7.59 1.88 12.45
C VAL A 65 6.63 1.80 11.26
N ILE A 66 5.72 0.83 11.31
CA ILE A 66 4.67 0.63 10.31
C ILE A 66 3.32 0.64 11.06
N TRP A 67 2.34 1.36 10.51
CA TRP A 67 1.01 1.43 11.09
C TRP A 67 0.09 0.46 10.34
N GLU A 68 -0.55 -0.44 11.07
CA GLU A 68 -1.40 -1.49 10.52
C GLU A 68 -2.86 -1.22 10.83
N ALA A 69 -3.73 -1.26 9.81
CA ALA A 69 -5.16 -1.04 10.01
C ALA A 69 -5.88 -2.32 10.44
N LYS A 70 -6.86 -2.18 11.32
CA LYS A 70 -7.70 -3.29 11.76
C LYS A 70 -9.11 -2.77 11.77
N CYS A 71 -9.96 -3.39 10.96
CA CYS A 71 -11.38 -3.07 10.87
C CYS A 71 -12.02 -3.13 12.24
N ARG A 72 -12.69 -2.04 12.61
CA ARG A 72 -13.28 -1.86 13.92
C ARG A 72 -14.49 -2.78 14.16
N HIS A 73 -15.27 -3.06 13.10
CA HIS A 73 -16.46 -3.91 13.19
C HIS A 73 -16.45 -4.94 12.10
N LEU A 74 -17.36 -5.92 12.20
CA LEU A 74 -17.53 -6.90 11.12
C LEU A 74 -18.45 -6.29 10.05
N GLY A 75 -19.41 -5.50 10.50
CA GLY A 75 -20.37 -4.81 9.64
C GLY A 75 -19.91 -3.42 9.26
N CYS A 76 -20.80 -2.64 8.60
CA CYS A 76 -20.54 -1.25 8.19
C CYS A 76 -21.48 -0.31 8.91
N ILE A 77 -21.15 0.98 8.93
CA ILE A 77 -22.00 2.03 9.51
C ILE A 77 -23.06 2.43 8.48
N ASN A 78 -24.35 2.48 8.91
CA ASN A 78 -25.47 2.92 8.06
C ASN A 78 -25.72 4.44 8.20
N ALA A 79 -26.74 4.97 7.48
CA ALA A 79 -27.14 6.39 7.48
C ALA A 79 -27.48 6.92 8.89
N ASP A 80 -28.00 6.06 9.78
CA ASP A 80 -28.38 6.39 11.17
C ASP A 80 -27.17 6.45 12.12
N GLY A 81 -26.01 5.96 11.67
CA GLY A 81 -24.80 5.90 12.47
C GLY A 81 -24.62 4.58 13.21
N ASN A 82 -25.46 3.57 12.90
CA ASN A 82 -25.39 2.24 13.54
C ASN A 82 -24.75 1.16 12.64
N VAL A 83 -24.34 0.04 13.26
CA VAL A 83 -23.70 -1.08 12.56
C VAL A 83 -24.75 -1.95 11.85
N ASP A 84 -24.62 -2.05 10.53
CA ASP A 84 -25.42 -2.88 9.62
C ASP A 84 -24.53 -4.10 9.30
N TYR A 85 -24.96 -5.30 9.72
CA TYR A 85 -24.18 -6.52 9.52
C TYR A 85 -24.46 -7.21 8.18
N HIS A 86 -25.34 -6.63 7.37
CA HIS A 86 -25.64 -7.12 6.03
C HIS A 86 -24.54 -6.65 5.07
N MET A 87 -23.64 -5.76 5.54
CA MET A 87 -22.49 -5.24 4.80
C MET A 87 -21.27 -5.60 5.59
N ASN A 88 -20.10 -5.64 4.97
CA ASN A 88 -18.86 -5.95 5.71
C ASN A 88 -17.75 -4.93 5.66
N SER A 89 -17.06 -4.73 6.80
CA SER A 89 -15.83 -3.95 6.82
C SER A 89 -14.74 -4.96 6.48
N VAL A 90 -13.96 -4.70 5.42
CA VAL A 90 -12.88 -5.59 4.99
C VAL A 90 -11.59 -4.81 4.78
N PRO A 91 -10.41 -5.38 5.10
CA PRO A 91 -9.17 -4.60 4.87
C PRO A 91 -8.75 -4.53 3.41
N ILE A 92 -8.12 -3.40 3.06
CA ILE A 92 -7.46 -3.20 1.77
C ILE A 92 -6.00 -3.49 2.09
N GLN A 93 -5.50 -4.61 1.63
CA GLN A 93 -4.14 -5.03 1.92
C GLN A 93 -3.22 -4.80 0.77
N GLN A 94 -2.01 -4.34 1.07
CA GLN A 94 -1.02 -4.00 0.07
C GLN A 94 0.32 -4.62 0.37
N GLU A 95 0.96 -5.19 -0.67
CA GLU A 95 2.32 -5.76 -0.61
C GLU A 95 3.28 -4.59 -0.73
N ILE A 96 4.11 -4.39 0.30
CA ILE A 96 5.10 -3.33 0.33
C ILE A 96 6.51 -3.93 0.51
N LEU A 97 7.53 -3.18 0.12
CA LEU A 97 8.90 -3.61 0.29
C LEU A 97 9.52 -2.82 1.39
N VAL A 98 10.22 -3.51 2.28
CA VAL A 98 10.92 -2.92 3.42
C VAL A 98 12.37 -3.41 3.40
N LEU A 99 13.22 -2.75 4.18
CA LEU A 99 14.63 -3.13 4.34
C LEU A 99 14.76 -3.78 5.68
N ARG A 100 15.44 -4.91 5.73
CA ARG A 100 15.79 -5.57 6.99
C ARG A 100 17.31 -5.73 7.00
N ARG A 101 17.99 -5.19 8.03
CA ARG A 101 19.43 -5.33 8.23
C ARG A 101 19.71 -6.83 8.28
N GLU A 102 20.51 -7.32 7.32
CA GLU A 102 20.89 -8.71 7.21
C GLU A 102 22.39 -8.82 6.90
N PRO A 103 23.25 -9.34 7.82
CA PRO A 103 22.97 -9.82 9.18
C PRO A 103 22.46 -8.71 10.09
N PRO A 104 21.65 -9.01 11.13
CA PRO A 104 21.04 -7.94 11.94
C PRO A 104 21.97 -6.87 12.55
N HIS A 105 23.19 -7.26 12.90
CA HIS A 105 24.17 -6.36 13.51
C HIS A 105 24.99 -5.52 12.50
N CYS A 106 24.72 -5.68 11.20
CA CYS A 106 25.50 -5.00 10.15
C CYS A 106 24.79 -3.77 9.61
N PRO A 107 25.50 -2.60 9.59
CA PRO A 107 24.82 -1.35 9.22
C PRO A 107 24.49 -1.11 7.76
N ASN A 108 25.25 -1.70 6.82
CA ASN A 108 25.01 -1.34 5.41
C ASN A 108 24.55 -2.47 4.51
N SER A 109 24.19 -3.64 5.09
CA SER A 109 23.69 -4.75 4.25
C SER A 109 22.28 -5.09 4.67
N PHE A 110 21.39 -5.20 3.67
CA PHE A 110 19.96 -5.41 3.85
C PHE A 110 19.36 -6.45 2.96
N ARG A 111 18.22 -6.95 3.41
CA ARG A 111 17.35 -7.84 2.67
C ARG A 111 16.12 -6.98 2.32
N LEU A 112 15.77 -6.97 1.03
CA LEU A 112 14.58 -6.30 0.55
C LEU A 112 13.47 -7.31 0.86
N GLU A 113 12.61 -6.97 1.82
CA GLU A 113 11.58 -7.87 2.35
C GLU A 113 10.16 -7.43 1.94
N LYS A 114 9.37 -8.38 1.44
CA LYS A 114 7.99 -8.21 1.01
C LYS A 114 7.04 -8.54 2.17
N ILE A 115 6.21 -7.57 2.56
CA ILE A 115 5.22 -7.78 3.62
C ILE A 115 3.82 -7.29 3.18
N LEU A 116 2.79 -7.94 3.71
CA LEU A 116 1.40 -7.59 3.41
C LEU A 116 0.85 -6.71 4.52
N VAL A 117 0.43 -5.51 4.18
CA VAL A 117 -0.04 -4.54 5.15
C VAL A 117 -1.48 -4.17 4.91
N SER A 118 -2.29 -4.07 5.98
CA SER A 118 -3.66 -3.57 5.91
C SER A 118 -3.54 -2.03 5.99
N VAL A 119 -3.92 -1.36 4.91
CA VAL A 119 -3.79 0.11 4.78
C VAL A 119 -5.01 0.82 5.38
N GLY A 120 -6.16 0.26 5.16
CA GLY A 120 -7.42 0.79 5.63
C GLY A 120 -8.50 -0.22 5.38
N CYS A 121 -9.74 0.15 5.62
CA CYS A 121 -10.86 -0.73 5.40
C CYS A 121 -11.83 -0.08 4.45
N THR A 122 -12.58 -0.93 3.74
CA THR A 122 -13.63 -0.51 2.81
C THR A 122 -14.90 -1.29 3.20
N CYS A 123 -16.06 -0.81 2.75
CA CYS A 123 -17.34 -1.46 2.99
C CYS A 123 -17.74 -2.22 1.74
N VAL A 124 -18.04 -3.51 1.87
CA VAL A 124 -18.41 -4.36 0.75
C VAL A 124 -19.78 -5.03 0.94
N THR A 125 -20.49 -5.28 -0.20
CA THR A 125 -21.70 -6.10 -0.17
C THR A 125 -21.12 -7.53 -0.09
N PRO A 126 -21.77 -8.49 0.58
CA PRO A 126 -21.18 -9.87 0.69
C PRO A 126 -20.85 -10.55 -0.63
N ILE A 127 -21.56 -10.21 -1.73
CA ILE A 127 -21.36 -10.70 -3.11
C ILE A 127 -21.44 -9.52 -4.10
N VAL A 128 -20.88 -9.65 -5.31
CA VAL A 128 -20.94 -8.58 -6.32
C VAL A 128 -22.41 -8.47 -6.72
N HIS A 129 -22.97 -7.25 -6.74
CA HIS A 129 -24.37 -7.17 -7.09
C HIS A 129 -24.65 -6.86 -8.54
N HIS A 130 -25.49 -7.76 -9.08
CA HIS A 130 -26.06 -7.88 -10.42
C HIS A 130 -26.89 -6.65 -10.79
N PRO B 20 32.06 -10.27 18.99
CA PRO B 20 32.34 -9.56 17.74
C PRO B 20 32.08 -10.46 16.53
N GLU B 21 30.99 -10.17 15.81
CA GLU B 21 30.56 -10.97 14.65
C GLU B 21 30.88 -10.32 13.29
N SER B 22 31.20 -11.18 12.32
CA SER B 22 31.54 -10.81 10.96
C SER B 22 30.35 -10.29 10.14
N CYS B 23 30.63 -9.34 9.23
CA CYS B 23 29.67 -8.71 8.33
C CYS B 23 30.16 -8.92 6.89
N PRO B 24 29.25 -9.17 5.91
CA PRO B 24 29.68 -9.22 4.51
C PRO B 24 30.26 -7.86 4.05
N PRO B 25 31.24 -7.86 3.12
CA PRO B 25 31.80 -6.59 2.65
C PRO B 25 30.81 -5.75 1.86
N VAL B 26 30.82 -4.45 2.14
CA VAL B 26 29.98 -3.46 1.49
C VAL B 26 30.92 -2.39 0.93
N PRO B 27 30.87 -2.10 -0.40
CA PRO B 27 31.70 -1.02 -0.95
C PRO B 27 31.38 0.32 -0.28
N GLY B 28 32.40 1.17 -0.18
CA GLY B 28 32.30 2.51 0.39
C GLY B 28 31.19 3.32 -0.26
N GLY B 29 30.38 3.98 0.58
CA GLY B 29 29.27 4.84 0.17
C GLY B 29 28.12 4.15 -0.52
N SER B 30 27.96 2.83 -0.26
CA SER B 30 26.92 1.99 -0.83
C SER B 30 26.15 1.26 0.25
N MET B 31 25.07 0.61 -0.15
CA MET B 31 24.26 -0.27 0.66
C MET B 31 24.09 -1.54 -0.15
N LYS B 32 24.25 -2.67 0.49
CA LYS B 32 24.07 -3.97 -0.15
C LYS B 32 22.62 -4.40 0.06
N LEU B 33 21.96 -4.77 -1.04
CA LEU B 33 20.58 -5.20 -1.05
C LEU B 33 20.44 -6.60 -1.60
N ASP B 34 19.89 -7.51 -0.81
CA ASP B 34 19.57 -8.86 -1.25
C ASP B 34 18.08 -8.85 -1.65
N ILE B 35 17.81 -9.25 -2.89
CA ILE B 35 16.48 -9.38 -3.46
C ILE B 35 16.19 -10.90 -3.58
N GLY B 36 15.70 -11.47 -2.49
CA GLY B 36 15.38 -12.90 -2.42
C GLY B 36 13.90 -13.20 -2.53
N ILE B 37 13.10 -12.21 -3.00
CA ILE B 37 11.65 -12.34 -3.15
C ILE B 37 11.29 -13.17 -4.38
N ILE B 38 10.48 -14.22 -4.15
CA ILE B 38 9.89 -15.08 -5.17
C ILE B 38 8.52 -14.44 -5.43
N ASN B 39 8.12 -14.32 -6.72
CA ASN B 39 6.87 -13.71 -7.15
C ASN B 39 6.79 -12.25 -6.67
N GLU B 40 7.65 -11.41 -7.28
CA GLU B 40 7.79 -9.99 -7.00
C GLU B 40 6.48 -9.23 -7.29
N ASN B 41 5.72 -9.68 -8.29
CA ASN B 41 4.48 -9.06 -8.74
C ASN B 41 3.22 -9.74 -8.22
N GLN B 42 3.34 -10.83 -7.42
CA GLN B 42 2.16 -11.49 -6.83
C GLN B 42 1.36 -10.47 -5.99
N ARG B 43 0.05 -10.38 -6.27
CA ARG B 43 -0.81 -9.39 -5.57
C ARG B 43 -2.15 -9.99 -5.17
N VAL B 44 -2.60 -9.71 -3.92
CA VAL B 44 -3.90 -10.20 -3.41
C VAL B 44 -5.06 -9.58 -4.20
N SER B 45 -4.83 -8.40 -4.81
CA SER B 45 -5.83 -7.69 -5.59
C SER B 45 -6.26 -8.45 -6.81
N MET B 46 -5.42 -9.38 -7.32
CA MET B 46 -5.72 -10.20 -8.50
C MET B 46 -6.90 -11.17 -8.27
N SER B 47 -6.91 -11.91 -7.14
CA SER B 47 -8.00 -12.86 -6.81
C SER B 47 -9.15 -12.20 -6.03
N ARG B 48 -8.85 -11.15 -5.29
CA ARG B 48 -9.88 -10.42 -4.56
C ARG B 48 -10.73 -9.59 -5.55
N ASN B 49 -11.99 -9.24 -5.19
CA ASN B 49 -12.90 -8.45 -6.02
C ASN B 49 -13.59 -7.37 -5.17
N ILE B 50 -12.99 -7.03 -4.01
CA ILE B 50 -13.51 -6.01 -3.08
C ILE B 50 -13.61 -4.62 -3.77
N GLU B 51 -12.79 -4.39 -4.82
CA GLU B 51 -12.81 -3.17 -5.62
C GLU B 51 -14.15 -3.02 -6.35
N SER B 52 -14.83 -4.14 -6.66
CA SER B 52 -16.14 -4.18 -7.32
C SER B 52 -17.29 -4.32 -6.32
N ARG B 53 -17.03 -4.88 -5.15
CA ARG B 53 -18.08 -5.08 -4.12
C ARG B 53 -18.18 -3.87 -3.21
N SER B 54 -17.17 -3.00 -3.24
CA SER B 54 -17.15 -1.83 -2.36
C SER B 54 -18.24 -0.81 -2.66
N THR B 55 -18.73 -0.12 -1.59
CA THR B 55 -19.68 0.99 -1.71
C THR B 55 -18.94 2.21 -2.28
N SER B 56 -17.61 2.17 -2.28
CA SER B 56 -16.75 3.19 -2.87
C SER B 56 -15.90 2.39 -3.85
N PRO B 57 -16.50 1.89 -4.98
CA PRO B 57 -15.71 1.02 -5.88
C PRO B 57 -14.52 1.70 -6.55
N TRP B 58 -13.54 0.89 -6.97
CA TRP B 58 -12.39 1.44 -7.64
C TRP B 58 -11.91 0.61 -8.81
N ASN B 59 -11.17 1.26 -9.73
CA ASN B 59 -10.57 0.65 -10.92
C ASN B 59 -9.08 0.48 -10.69
N TYR B 60 -8.46 -0.48 -11.39
CA TYR B 60 -7.02 -0.67 -11.37
C TYR B 60 -6.45 -0.35 -12.73
N THR B 61 -5.29 0.27 -12.75
CA THR B 61 -4.53 0.53 -13.97
C THR B 61 -3.24 -0.25 -13.73
N VAL B 62 -2.88 -1.09 -14.69
CA VAL B 62 -1.67 -1.91 -14.56
C VAL B 62 -0.67 -1.59 -15.66
N THR B 63 0.51 -1.12 -15.27
CA THR B 63 1.57 -0.84 -16.25
C THR B 63 2.80 -1.72 -15.93
N TRP B 64 3.70 -1.86 -16.90
CA TRP B 64 4.92 -2.64 -16.74
C TRP B 64 6.10 -1.75 -17.00
N ASP B 65 7.06 -1.76 -16.07
CA ASP B 65 8.30 -0.99 -16.13
C ASP B 65 9.44 -1.97 -15.90
N PRO B 66 10.19 -2.34 -16.97
CA PRO B 66 11.29 -3.30 -16.81
C PRO B 66 12.50 -2.78 -16.01
N ASN B 67 12.55 -1.46 -15.76
CA ASN B 67 13.63 -0.83 -14.99
C ASN B 67 13.26 -0.53 -13.54
N ARG B 68 12.21 -1.19 -13.06
CA ARG B 68 11.75 -1.03 -11.71
C ARG B 68 11.56 -2.41 -11.08
N TYR B 69 11.80 -2.49 -9.77
CA TYR B 69 11.56 -3.69 -9.00
C TYR B 69 10.65 -3.26 -7.84
N PRO B 70 9.38 -3.74 -7.76
CA PRO B 70 8.69 -4.66 -8.68
C PRO B 70 8.35 -3.95 -9.99
N SER B 71 8.31 -4.69 -11.10
CA SER B 71 8.08 -4.15 -12.44
C SER B 71 6.62 -3.84 -12.78
N GLU B 72 5.69 -4.48 -12.11
CA GLU B 72 4.26 -4.27 -12.33
C GLU B 72 3.85 -3.11 -11.41
N VAL B 73 3.33 -2.06 -12.03
CA VAL B 73 2.90 -0.85 -11.38
C VAL B 73 1.37 -0.89 -11.35
N VAL B 74 0.77 -1.00 -10.14
CA VAL B 74 -0.67 -1.10 -9.95
C VAL B 74 -1.25 0.14 -9.24
N GLN B 75 -2.11 0.91 -9.94
CA GLN B 75 -2.73 2.08 -9.32
C GLN B 75 -4.22 1.91 -9.26
N ALA B 76 -4.84 2.41 -8.18
CA ALA B 76 -6.30 2.39 -8.03
C ALA B 76 -6.89 3.79 -8.26
N GLN B 77 -8.10 3.87 -8.80
CA GLN B 77 -8.79 5.13 -9.02
C GLN B 77 -10.25 4.91 -8.61
N CYS B 78 -10.81 5.78 -7.76
CA CYS B 78 -12.20 5.71 -7.35
C CYS B 78 -13.09 5.86 -8.58
N ARG B 79 -14.12 5.00 -8.71
CA ARG B 79 -15.04 5.03 -9.84
C ARG B 79 -16.01 6.18 -9.73
N ASN B 80 -16.44 6.50 -8.51
CA ASN B 80 -17.48 7.50 -8.28
C ASN B 80 -17.09 8.57 -7.28
N LEU B 81 -17.85 9.66 -7.29
CA LEU B 81 -17.77 10.80 -6.37
C LEU B 81 -18.37 10.37 -5.01
N GLY B 82 -19.57 9.81 -5.07
CA GLY B 82 -20.32 9.34 -3.91
C GLY B 82 -20.15 7.88 -3.61
N CYS B 83 -21.05 7.34 -2.77
CA CYS B 83 -21.02 5.95 -2.34
C CYS B 83 -22.28 5.20 -2.77
N ILE B 84 -22.15 3.90 -3.06
CA ILE B 84 -23.24 3.02 -3.49
C ILE B 84 -24.11 2.63 -2.28
N ASN B 85 -25.43 2.72 -2.44
CA ASN B 85 -26.40 2.40 -1.38
C ASN B 85 -26.92 0.96 -1.54
N ALA B 86 -28.05 0.62 -0.85
CA ALA B 86 -28.69 -0.71 -0.88
C ALA B 86 -29.19 -1.06 -2.31
N GLN B 87 -29.88 -0.09 -2.95
CA GLN B 87 -30.43 -0.21 -4.31
C GLN B 87 -29.33 -0.33 -5.39
N GLY B 88 -28.12 0.13 -5.07
CA GLY B 88 -27.01 0.15 -6.01
C GLY B 88 -26.85 1.51 -6.65
N LYS B 89 -27.44 2.55 -6.02
CA LYS B 89 -27.40 3.93 -6.52
C LYS B 89 -26.46 4.82 -5.73
N GLU B 90 -25.81 5.76 -6.45
CA GLU B 90 -24.86 6.72 -5.87
C GLU B 90 -25.56 7.69 -4.91
N ASP B 91 -25.04 7.79 -3.69
CA ASP B 91 -25.44 8.76 -2.69
C ASP B 91 -24.27 9.73 -2.69
N ILE B 92 -24.45 10.92 -3.29
CA ILE B 92 -23.34 11.88 -3.36
C ILE B 92 -23.19 12.74 -2.09
N SER B 93 -24.00 12.51 -1.06
CA SER B 93 -23.85 13.23 0.22
C SER B 93 -22.67 12.63 0.99
N MET B 94 -22.19 11.43 0.57
CA MET B 94 -21.02 10.72 1.09
C MET B 94 -19.89 10.78 0.03
N ASN B 95 -18.62 10.58 0.44
CA ASN B 95 -17.48 10.65 -0.50
C ASN B 95 -16.75 9.35 -0.65
N SER B 96 -16.35 8.98 -1.90
CA SER B 96 -15.43 7.86 -2.12
C SER B 96 -14.09 8.59 -2.09
N VAL B 97 -13.19 8.14 -1.25
CA VAL B 97 -11.86 8.73 -1.10
C VAL B 97 -10.76 7.66 -1.31
N PRO B 98 -9.72 7.99 -2.08
CA PRO B 98 -8.62 7.02 -2.23
C PRO B 98 -7.74 6.92 -0.97
N ILE B 99 -7.21 5.74 -0.69
CA ILE B 99 -6.30 5.57 0.44
C ILE B 99 -4.92 5.15 -0.14
N GLN B 100 -3.85 5.72 0.41
CA GLN B 100 -2.51 5.53 -0.10
C GLN B 100 -1.55 4.82 0.84
N GLN B 101 -0.57 4.14 0.25
CA GLN B 101 0.45 3.43 1.00
C GLN B 101 1.82 3.70 0.40
N GLU B 102 2.77 3.99 1.26
CA GLU B 102 4.16 4.18 0.89
C GLU B 102 4.87 2.81 0.83
N THR B 103 5.73 2.64 -0.17
CA THR B 103 6.53 1.43 -0.37
C THR B 103 7.90 1.82 -0.97
N LEU B 104 8.85 0.92 -0.84
CA LEU B 104 10.19 1.05 -1.44
C LEU B 104 10.15 0.33 -2.74
N VAL B 105 10.90 0.84 -3.71
CA VAL B 105 11.08 0.22 -5.04
C VAL B 105 12.58 0.32 -5.33
N VAL B 106 13.06 -0.45 -6.30
CA VAL B 106 14.44 -0.37 -6.75
C VAL B 106 14.30 0.11 -8.18
N ARG B 107 15.03 1.15 -8.53
CA ARG B 107 15.04 1.68 -9.88
C ARG B 107 16.38 1.33 -10.48
N ARG B 108 16.38 0.84 -11.72
CA ARG B 108 17.55 0.48 -12.48
C ARG B 108 17.78 1.60 -13.50
N LYS B 109 18.99 2.17 -13.48
CA LYS B 109 19.38 3.26 -14.36
C LYS B 109 20.50 2.85 -15.29
N HIS B 110 20.40 3.25 -16.55
CA HIS B 110 21.41 2.95 -17.56
C HIS B 110 22.05 4.23 -18.03
N GLN B 111 23.37 4.30 -18.01
CA GLN B 111 24.06 5.46 -18.57
C GLN B 111 24.32 5.06 -20.04
N GLY B 112 24.92 3.90 -20.22
CA GLY B 112 25.12 3.24 -21.51
C GLY B 112 24.74 1.79 -21.32
N CYS B 113 25.74 0.91 -21.35
CA CYS B 113 25.61 -0.52 -21.06
C CYS B 113 25.83 -0.68 -19.54
N SER B 114 26.39 0.39 -18.90
CA SER B 114 26.65 0.49 -17.47
C SER B 114 25.33 0.60 -16.71
N VAL B 115 25.19 -0.22 -15.68
CA VAL B 115 23.97 -0.28 -14.92
C VAL B 115 24.19 0.13 -13.44
N SER B 116 23.29 1.00 -12.95
CA SER B 116 23.27 1.45 -11.57
C SER B 116 21.85 1.21 -10.96
N PHE B 117 21.78 1.08 -9.64
CA PHE B 117 20.54 0.79 -8.94
C PHE B 117 20.34 1.77 -7.83
N GLN B 118 19.08 2.15 -7.60
CA GLN B 118 18.78 3.08 -6.52
C GLN B 118 17.48 2.74 -5.86
N LEU B 119 17.40 2.95 -4.55
CA LEU B 119 16.18 2.80 -3.77
C LEU B 119 15.30 4.03 -3.93
N GLU B 120 14.01 3.80 -4.10
CA GLU B 120 13.08 4.91 -4.19
C GLU B 120 11.87 4.67 -3.26
N LYS B 121 11.23 5.75 -2.82
CA LYS B 121 10.03 5.67 -2.01
C LYS B 121 8.90 6.14 -2.92
N VAL B 122 7.89 5.31 -3.08
CA VAL B 122 6.73 5.66 -3.90
C VAL B 122 5.45 5.53 -3.07
N LEU B 123 4.42 6.22 -3.55
CA LEU B 123 3.09 6.20 -2.99
C LEU B 123 2.20 5.40 -3.94
N VAL B 124 1.47 4.43 -3.40
CA VAL B 124 0.53 3.58 -4.15
C VAL B 124 -0.88 3.90 -3.67
N THR B 125 -1.81 4.17 -4.63
CA THR B 125 -3.23 4.34 -4.29
C THR B 125 -3.73 2.92 -4.39
N VAL B 126 -4.09 2.36 -3.24
CA VAL B 126 -4.44 0.94 -3.07
C VAL B 126 -5.94 0.65 -3.20
N GLY B 127 -6.76 1.65 -3.03
CA GLY B 127 -8.20 1.50 -3.07
C GLY B 127 -8.89 2.69 -2.49
N CYS B 128 -10.21 2.57 -2.32
CA CYS B 128 -11.07 3.63 -1.83
C CYS B 128 -11.89 3.20 -0.68
N THR B 129 -12.29 4.17 0.14
CA THR B 129 -13.20 3.99 1.26
C THR B 129 -14.33 5.07 1.18
N CYS B 130 -15.42 4.85 1.91
CA CYS B 130 -16.54 5.76 1.93
C CYS B 130 -16.54 6.56 3.22
N VAL B 131 -16.42 7.89 3.13
CA VAL B 131 -16.37 8.76 4.30
C VAL B 131 -17.48 9.79 4.30
N THR B 132 -17.79 10.31 5.49
CA THR B 132 -18.71 11.43 5.66
C THR B 132 -17.92 12.65 5.18
N PRO B 133 -18.57 13.66 4.56
CA PRO B 133 -17.81 14.83 4.12
C PRO B 133 -17.42 15.76 5.26
N VAL B 134 -16.40 16.59 5.03
CA VAL B 134 -16.03 17.67 5.93
C VAL B 134 -16.91 18.85 5.40
N ILE B 135 -17.61 19.52 6.30
CA ILE B 135 -18.52 20.61 5.89
C ILE B 135 -17.93 21.94 6.29
N HIS B 136 -17.95 22.93 5.37
CA HIS B 136 -17.54 24.31 5.68
C HIS B 136 -18.72 25.22 5.62
N HIS B 137 -18.57 26.43 6.17
CA HIS B 137 -19.60 27.46 6.14
C HIS B 137 -18.94 28.74 5.75
N VAL B 138 -19.69 29.62 5.08
CA VAL B 138 -19.20 30.94 4.64
C VAL B 138 -18.94 31.88 5.83
N GLN B 139 -19.99 32.15 6.65
CA GLN B 139 -20.03 33.04 7.82
C GLN B 139 -21.49 33.20 8.25
#